data_2GU5
#
_entry.id   2GU5
#
_cell.length_a   49.790
_cell.length_b   64.606
_cell.length_c   76.354
_cell.angle_alpha   90.000
_cell.angle_beta   107.770
_cell.angle_gamma   90.000
#
_symmetry.space_group_name_H-M   'P 1 21 1'
#
loop_
_entity.id
_entity.type
_entity.pdbx_description
1 polymer 'Methionine aminopeptidase'
2 non-polymer 'MANGANESE (II) ION'
3 non-polymer 'SODIUM ION'
4 non-polymer '(1-AMINO-PENTYL)-PHOSPHONIC ACID'
5 water water
#
_entity_poly.entity_id   1
_entity_poly.type   'polypeptide(L)'
_entity_poly.pdbx_seq_one_letter_code
;ASSIKTPEDIEKMRVAGRLAAEVLEMIEPYVKPGVSTGELDRICNDYIVNEQHAVSACLGYHGYPKSVCISINEVVCHGI
PDDAKLLKDGDIVNIDVTVIKDGFHGDTSKMFIVGKPTIMGERLCRITQESLYLALRMVKPGINLREIGAAIQKFVEAEG
FSVVREYCGHGIGRGFHEEPQVLHYDSRETNVVLKPGMTFTIEPMVNAGKKEIRTMKDGWTVKTKDRSLSAQYEHTIVVT
DNGCEILTLRKDDTIPAIISHDE
;
_entity_poly.pdbx_strand_id   A,B
#
loop_
_chem_comp.id
_chem_comp.type
_chem_comp.name
_chem_comp.formula
MN non-polymer 'MANGANESE (II) ION' 'Mn 2'
NA non-polymer 'SODIUM ION' 'Na 1'
#
# COMPACT_ATOMS: atom_id res chain seq x y z
N SER A 3 8.59 -5.20 25.81
CA SER A 3 8.54 -3.96 26.63
C SER A 3 8.09 -2.76 25.82
N ILE A 4 7.91 -1.64 26.50
CA ILE A 4 7.48 -0.41 25.86
C ILE A 4 8.66 0.57 25.83
N LYS A 5 9.08 0.96 24.63
CA LYS A 5 10.20 1.88 24.47
C LYS A 5 9.79 3.32 24.68
N THR A 6 10.71 4.11 25.25
CA THR A 6 10.46 5.53 25.49
C THR A 6 10.84 6.31 24.25
N PRO A 7 10.42 7.58 24.16
CA PRO A 7 10.77 8.37 22.97
C PRO A 7 12.30 8.40 22.78
N GLU A 8 13.03 8.41 23.89
CA GLU A 8 14.48 8.42 23.83
C GLU A 8 14.99 7.13 23.20
N ASP A 9 14.43 6.00 23.65
CA ASP A 9 14.82 4.69 23.13
C ASP A 9 14.52 4.62 21.64
N ILE A 10 13.32 5.05 21.27
CA ILE A 10 12.89 5.01 19.88
C ILE A 10 13.78 5.84 18.96
N GLU A 11 14.25 6.99 19.42
CA GLU A 11 15.12 7.81 18.59
C GLU A 11 16.44 7.08 18.33
N LYS A 12 16.95 6.39 19.34
CA LYS A 12 18.20 5.65 19.18
C LYS A 12 17.99 4.48 18.22
N MET A 13 16.78 3.91 18.23
CA MET A 13 16.49 2.81 17.34
C MET A 13 16.34 3.31 15.91
N ARG A 14 15.95 4.57 15.75
CA ARG A 14 15.83 5.13 14.41
C ARG A 14 17.23 5.20 13.82
N VAL A 15 18.18 5.58 14.66
CA VAL A 15 19.57 5.71 14.23
C VAL A 15 20.18 4.35 13.91
N ALA A 16 20.00 3.38 14.78
CA ALA A 16 20.53 2.04 14.56
C ALA A 16 19.88 1.38 13.35
N GLY A 17 18.58 1.57 13.20
CA GLY A 17 17.86 1.00 12.07
C GLY A 17 18.31 1.63 10.76
N ARG A 18 18.54 2.93 10.78
CA ARG A 18 18.98 3.64 9.59
C ARG A 18 20.36 3.15 9.17
N LEU A 19 21.24 2.90 10.15
CA LEU A 19 22.58 2.41 9.83
C LEU A 19 22.50 1.03 9.21
N ALA A 20 21.64 0.17 9.76
CA ALA A 20 21.49 -1.18 9.22
C ALA A 20 21.01 -1.11 7.77
N ALA A 21 20.08 -0.20 7.51
CA ALA A 21 19.54 -0.05 6.16
C ALA A 21 20.60 0.48 5.20
N GLU A 22 21.42 1.40 5.69
CA GLU A 22 22.46 1.99 4.85
C GLU A 22 23.53 0.96 4.47
N VAL A 23 23.69 -0.08 5.28
CA VAL A 23 24.66 -1.12 4.94
C VAL A 23 24.13 -1.86 3.70
N LEU A 24 22.83 -2.15 3.68
CA LEU A 24 22.23 -2.83 2.54
C LEU A 24 22.27 -1.96 1.29
N GLU A 25 22.08 -0.66 1.46
CA GLU A 25 22.13 0.25 0.31
C GLU A 25 23.56 0.34 -0.23
N MET A 26 24.53 0.25 0.68
CA MET A 26 25.94 0.33 0.30
C MET A 26 26.46 -0.93 -0.40
N ILE A 27 26.06 -2.09 0.11
CA ILE A 27 26.55 -3.35 -0.45
C ILE A 27 25.98 -3.72 -1.83
N GLU A 28 24.79 -3.19 -2.14
CA GLU A 28 24.10 -3.45 -3.41
C GLU A 28 24.97 -3.63 -4.67
N PRO A 29 25.75 -2.60 -5.05
CA PRO A 29 26.59 -2.72 -6.24
C PRO A 29 27.65 -3.83 -6.23
N TYR A 30 28.00 -4.31 -5.05
CA TYR A 30 29.01 -5.36 -4.94
C TYR A 30 28.47 -6.78 -5.12
N VAL A 31 27.16 -6.95 -5.01
CA VAL A 31 26.55 -8.28 -5.15
C VAL A 31 26.47 -8.61 -6.64
N LYS A 32 27.60 -9.08 -7.17
CA LYS A 32 27.73 -9.41 -8.59
C LYS A 32 28.29 -10.81 -8.81
N PRO A 33 28.10 -11.36 -10.02
CA PRO A 33 28.62 -12.71 -10.30
C PRO A 33 30.14 -12.67 -10.12
N GLY A 34 30.68 -13.68 -9.45
CA GLY A 34 32.12 -13.74 -9.23
C GLY A 34 32.59 -13.30 -7.85
N VAL A 35 31.80 -12.49 -7.16
CA VAL A 35 32.18 -12.04 -5.82
C VAL A 35 31.95 -13.14 -4.80
N SER A 36 32.78 -13.19 -3.77
CA SER A 36 32.62 -14.22 -2.75
C SER A 36 31.79 -13.63 -1.61
N THR A 37 31.07 -14.48 -0.90
CA THR A 37 30.25 -14.00 0.21
C THR A 37 31.18 -13.55 1.33
N GLY A 38 32.37 -14.13 1.36
CA GLY A 38 33.34 -13.75 2.38
C GLY A 38 33.75 -12.31 2.18
N GLU A 39 33.92 -11.90 0.92
CA GLU A 39 34.30 -10.53 0.60
C GLU A 39 33.16 -9.58 0.92
N LEU A 40 31.93 -9.99 0.60
CA LEU A 40 30.77 -9.14 0.90
C LEU A 40 30.71 -8.88 2.40
N ASP A 41 31.01 -9.90 3.19
CA ASP A 41 31.00 -9.78 4.65
C ASP A 41 32.06 -8.78 5.13
N ARG A 42 33.25 -8.83 4.52
CA ARG A 42 34.30 -7.90 4.93
C ARG A 42 33.94 -6.46 4.56
N ILE A 43 33.33 -6.28 3.39
CA ILE A 43 32.93 -4.94 2.96
C ILE A 43 31.90 -4.39 3.94
N CYS A 44 30.94 -5.21 4.31
CA CYS A 44 29.91 -4.79 5.24
C CYS A 44 30.49 -4.45 6.61
N ASN A 45 31.33 -5.33 7.13
CA ASN A 45 31.93 -5.12 8.43
C ASN A 45 32.83 -3.89 8.49
N ASP A 46 33.64 -3.70 7.46
CA ASP A 46 34.53 -2.54 7.42
C ASP A 46 33.70 -1.26 7.41
N TYR A 47 32.58 -1.28 6.69
CA TYR A 47 31.70 -0.12 6.61
C TYR A 47 31.09 0.20 7.97
N ILE A 48 30.55 -0.83 8.61
CA ILE A 48 29.93 -0.69 9.92
C ILE A 48 30.90 -0.16 10.98
N VAL A 49 32.09 -0.74 11.03
CA VAL A 49 33.09 -0.35 12.02
C VAL A 49 33.82 0.96 11.70
N ASN A 50 34.39 1.06 10.52
CA ASN A 50 35.15 2.24 10.14
C ASN A 50 34.39 3.50 9.77
N GLU A 51 33.24 3.35 9.10
CA GLU A 51 32.48 4.51 8.71
C GLU A 51 31.28 4.83 9.61
N GLN A 52 30.52 3.82 9.98
CA GLN A 52 29.36 4.06 10.84
C GLN A 52 29.77 4.14 12.31
N HIS A 53 30.96 3.65 12.62
CA HIS A 53 31.47 3.65 13.99
C HIS A 53 30.49 2.92 14.89
N ALA A 54 30.02 1.78 14.40
CA ALA A 54 29.08 0.92 15.13
C ALA A 54 29.70 -0.47 15.16
N VAL A 55 28.88 -1.48 15.43
CA VAL A 55 29.38 -2.85 15.49
C VAL A 55 28.29 -3.83 15.07
N SER A 56 28.70 -4.99 14.58
CA SER A 56 27.75 -6.03 14.18
C SER A 56 27.29 -6.78 15.43
N ALA A 57 25.99 -7.00 15.53
CA ALA A 57 25.42 -7.73 16.67
C ALA A 57 25.54 -9.23 16.41
N CYS A 58 25.84 -9.59 15.16
CA CYS A 58 25.96 -11.00 14.77
C CYS A 58 27.24 -11.66 15.27
N LEU A 59 28.35 -10.95 15.15
CA LEU A 59 29.64 -11.48 15.56
C LEU A 59 29.67 -11.93 17.02
N GLY A 60 30.01 -13.19 17.22
CA GLY A 60 30.08 -13.74 18.57
C GLY A 60 28.75 -14.16 19.18
N TYR A 61 27.64 -13.77 18.56
CA TYR A 61 26.32 -14.13 19.08
C TYR A 61 26.18 -15.65 19.05
N HIS A 62 26.20 -16.25 20.23
CA HIS A 62 26.12 -17.69 20.35
C HIS A 62 27.21 -18.31 19.49
N GLY A 63 28.31 -17.58 19.35
CA GLY A 63 29.45 -18.06 18.59
C GLY A 63 29.44 -17.81 17.09
N TYR A 64 28.45 -17.07 16.58
CA TYR A 64 28.40 -16.80 15.15
C TYR A 64 29.76 -16.20 14.75
N PRO A 65 30.42 -16.78 13.73
CA PRO A 65 31.73 -16.34 13.25
C PRO A 65 31.90 -15.13 12.34
N LYS A 66 30.83 -14.66 11.70
CA LYS A 66 30.95 -13.53 10.79
C LYS A 66 30.17 -12.30 11.23
N SER A 67 30.19 -11.25 10.40
CA SER A 67 29.51 -9.99 10.73
C SER A 67 28.08 -9.86 10.21
N VAL A 68 27.79 -10.52 9.11
CA VAL A 68 26.45 -10.49 8.52
C VAL A 68 26.11 -11.92 8.11
N CYS A 69 24.83 -12.18 7.86
CA CYS A 69 24.41 -13.50 7.41
C CYS A 69 24.09 -13.38 5.93
N ILE A 70 24.62 -14.31 5.14
CA ILE A 70 24.39 -14.31 3.71
C ILE A 70 23.88 -15.67 3.29
N SER A 71 22.63 -15.71 2.83
CA SER A 71 21.97 -16.95 2.44
C SER A 71 21.66 -17.00 0.95
N ILE A 72 22.08 -18.08 0.30
CA ILE A 72 21.89 -18.25 -1.13
C ILE A 72 20.95 -19.38 -1.53
N ASN A 73 20.05 -19.08 -2.45
CA ASN A 73 19.08 -20.04 -2.99
C ASN A 73 18.32 -20.90 -1.98
N GLU A 74 18.63 -22.20 -1.92
CA GLU A 74 17.93 -23.10 -1.00
C GLU A 74 18.22 -22.84 0.47
N VAL A 75 19.22 -21.99 0.76
CA VAL A 75 19.53 -21.67 2.14
C VAL A 75 18.43 -20.71 2.61
N VAL A 76 17.80 -21.06 3.71
CA VAL A 76 16.70 -20.28 4.28
C VAL A 76 17.17 -19.08 5.09
N CYS A 77 18.18 -19.29 5.92
CA CYS A 77 18.70 -18.21 6.73
C CYS A 77 20.00 -18.59 7.42
N HIS A 78 20.65 -17.59 7.99
CA HIS A 78 21.88 -17.74 8.73
C HIS A 78 23.06 -18.37 7.98
N GLY A 79 23.09 -18.15 6.66
CA GLY A 79 24.19 -18.67 5.86
C GLY A 79 25.45 -17.95 6.32
N ILE A 80 26.57 -18.66 6.34
CA ILE A 80 27.82 -18.06 6.79
C ILE A 80 28.74 -17.65 5.64
N PRO A 81 29.14 -16.37 5.62
CA PRO A 81 30.02 -15.83 4.58
C PRO A 81 31.28 -16.70 4.47
N ASP A 82 31.70 -16.96 3.24
CA ASP A 82 32.86 -17.79 2.97
C ASP A 82 33.62 -17.32 1.73
N ASP A 83 34.94 -17.18 1.87
CA ASP A 83 35.79 -16.73 0.77
C ASP A 83 35.72 -17.62 -0.47
N ALA A 84 35.38 -18.89 -0.28
CA ALA A 84 35.32 -19.83 -1.40
C ALA A 84 33.97 -19.92 -2.09
N LYS A 85 32.96 -19.26 -1.53
CA LYS A 85 31.62 -19.30 -2.12
C LYS A 85 31.39 -18.10 -3.03
N LEU A 86 31.37 -18.35 -4.33
CA LEU A 86 31.17 -17.28 -5.31
C LEU A 86 29.75 -17.21 -5.85
N LEU A 87 29.26 -15.99 -6.04
CA LEU A 87 27.92 -15.81 -6.57
C LEU A 87 27.94 -16.02 -8.08
N LYS A 88 26.84 -16.51 -8.63
CA LYS A 88 26.75 -16.75 -10.07
C LYS A 88 25.39 -16.34 -10.60
N ASP A 89 25.27 -16.25 -11.92
CA ASP A 89 24.01 -15.84 -12.52
C ASP A 89 22.82 -16.65 -12.03
N GLY A 90 21.73 -15.96 -11.75
CA GLY A 90 20.52 -16.62 -11.29
C GLY A 90 20.35 -16.75 -9.79
N ASP A 91 21.44 -16.68 -9.03
CA ASP A 91 21.34 -16.82 -7.59
C ASP A 91 20.46 -15.76 -6.94
N ILE A 92 19.70 -16.16 -5.93
CA ILE A 92 18.91 -15.19 -5.17
C ILE A 92 19.69 -15.20 -3.86
N VAL A 93 19.99 -14.01 -3.36
CA VAL A 93 20.80 -13.88 -2.17
C VAL A 93 20.21 -12.97 -1.13
N ASN A 94 20.21 -13.42 0.12
CA ASN A 94 19.72 -12.57 1.20
C ASN A 94 20.93 -12.15 2.02
N ILE A 95 20.99 -10.87 2.35
CA ILE A 95 22.05 -10.37 3.21
C ILE A 95 21.29 -9.78 4.38
N ASP A 96 21.56 -10.35 5.56
CA ASP A 96 20.90 -9.95 6.79
C ASP A 96 21.90 -9.19 7.65
N VAL A 97 21.56 -7.93 7.94
CA VAL A 97 22.42 -7.05 8.72
C VAL A 97 21.83 -6.65 10.06
N THR A 98 22.65 -6.70 11.10
CA THR A 98 22.20 -6.26 12.42
C THR A 98 23.31 -5.42 13.02
N VAL A 99 23.02 -4.13 13.20
CA VAL A 99 23.99 -3.19 13.74
C VAL A 99 23.59 -2.74 15.14
N ILE A 100 24.59 -2.47 15.98
CA ILE A 100 24.34 -1.96 17.32
C ILE A 100 24.97 -0.57 17.34
N LYS A 101 24.18 0.43 17.69
CA LYS A 101 24.68 1.80 17.76
C LYS A 101 24.06 2.48 18.97
N ASP A 102 24.91 3.02 19.84
CA ASP A 102 24.44 3.70 21.04
C ASP A 102 23.60 2.76 21.90
N GLY A 103 24.00 1.49 21.92
CA GLY A 103 23.31 0.50 22.72
C GLY A 103 22.06 -0.15 22.15
N PHE A 104 21.60 0.33 21.00
CA PHE A 104 20.39 -0.23 20.40
C PHE A 104 20.62 -0.94 19.08
N HIS A 105 19.77 -1.93 18.80
CA HIS A 105 19.88 -2.74 17.59
C HIS A 105 19.00 -2.30 16.43
N GLY A 106 19.47 -2.59 15.22
CA GLY A 106 18.76 -2.31 13.98
C GLY A 106 18.94 -3.60 13.20
N ASP A 107 17.85 -4.27 12.85
CA ASP A 107 17.92 -5.56 12.15
C ASP A 107 17.12 -5.53 10.85
N THR A 108 17.78 -5.83 9.73
CA THR A 108 17.09 -5.81 8.44
C THR A 108 17.77 -6.68 7.40
N SER A 109 17.01 -7.12 6.40
CA SER A 109 17.58 -7.95 5.34
C SER A 109 16.75 -7.78 4.07
N LYS A 110 17.36 -8.06 2.94
CA LYS A 110 16.68 -7.96 1.65
C LYS A 110 17.28 -8.97 0.69
N MET A 111 16.56 -9.23 -0.39
CA MET A 111 17.01 -10.16 -1.41
C MET A 111 17.68 -9.41 -2.55
N PHE A 112 18.66 -10.05 -3.17
CA PHE A 112 19.37 -9.52 -4.31
C PHE A 112 19.40 -10.66 -5.32
N ILE A 113 19.13 -10.37 -6.59
CA ILE A 113 19.20 -11.42 -7.59
C ILE A 113 20.46 -11.14 -8.40
N VAL A 114 21.29 -12.16 -8.55
CA VAL A 114 22.56 -12.02 -9.26
C VAL A 114 22.45 -12.25 -10.77
N GLY A 115 23.01 -11.31 -11.54
CA GLY A 115 22.99 -11.42 -12.98
C GLY A 115 21.60 -11.62 -13.57
N LYS A 116 21.49 -12.54 -14.51
CA LYS A 116 20.20 -12.81 -15.16
C LYS A 116 19.25 -13.50 -14.20
N PRO A 117 18.13 -12.84 -13.87
CA PRO A 117 17.16 -13.44 -12.95
C PRO A 117 16.38 -14.59 -13.57
N THR A 118 15.94 -15.53 -12.73
CA THR A 118 15.13 -16.63 -13.21
C THR A 118 13.71 -16.16 -12.88
N ILE A 119 12.74 -16.55 -13.70
CA ILE A 119 11.37 -16.11 -13.48
C ILE A 119 10.81 -16.49 -12.10
N MET A 120 11.03 -17.73 -11.68
CA MET A 120 10.51 -18.17 -10.39
C MET A 120 11.27 -17.49 -9.25
N GLY A 121 12.55 -17.21 -9.47
CA GLY A 121 13.35 -16.55 -8.47
C GLY A 121 12.78 -15.16 -8.21
N GLU A 122 12.49 -14.44 -9.28
CA GLU A 122 11.93 -13.10 -9.15
C GLU A 122 10.55 -13.16 -8.49
N ARG A 123 9.74 -14.14 -8.89
CA ARG A 123 8.40 -14.27 -8.32
C ARG A 123 8.47 -14.54 -6.82
N LEU A 124 9.31 -15.47 -6.42
CA LEU A 124 9.45 -15.80 -5.00
C LEU A 124 9.84 -14.57 -4.19
N CYS A 125 10.83 -13.81 -4.69
CA CYS A 125 11.26 -12.62 -3.97
C CYS A 125 10.17 -11.58 -3.89
N ARG A 126 9.45 -11.37 -5.00
CA ARG A 126 8.37 -10.39 -5.05
C ARG A 126 7.27 -10.72 -4.04
N ILE A 127 6.85 -11.98 -4.02
CA ILE A 127 5.80 -12.42 -3.10
C ILE A 127 6.25 -12.29 -1.65
N THR A 128 7.51 -12.64 -1.40
CA THR A 128 8.05 -12.57 -0.05
C THR A 128 8.03 -11.13 0.45
N GLN A 129 8.50 -10.19 -0.37
CA GLN A 129 8.49 -8.81 0.06
C GLN A 129 7.07 -8.30 0.26
N GLU A 130 6.15 -8.70 -0.61
CA GLU A 130 4.76 -8.25 -0.48
C GLU A 130 4.13 -8.80 0.79
N SER A 131 4.53 -10.00 1.20
CA SER A 131 3.97 -10.57 2.42
C SER A 131 4.43 -9.74 3.61
N LEU A 132 5.65 -9.22 3.54
CA LEU A 132 6.18 -8.37 4.60
C LEU A 132 5.40 -7.06 4.61
N TYR A 133 5.23 -6.47 3.43
CA TYR A 133 4.51 -5.21 3.30
C TYR A 133 3.07 -5.31 3.81
N LEU A 134 2.44 -6.45 3.53
CA LEU A 134 1.07 -6.69 3.95
C LEU A 134 1.00 -6.67 5.49
N ALA A 135 1.99 -7.29 6.12
CA ALA A 135 2.04 -7.33 7.57
C ALA A 135 2.28 -5.93 8.11
N LEU A 136 3.19 -5.20 7.48
CA LEU A 136 3.50 -3.84 7.92
C LEU A 136 2.28 -2.91 7.87
N ARG A 137 1.44 -3.06 6.85
CA ARG A 137 0.25 -2.22 6.73
C ARG A 137 -0.84 -2.56 7.75
N MET A 138 -0.70 -3.69 8.43
CA MET A 138 -1.67 -4.12 9.45
C MET A 138 -1.30 -3.67 10.86
N VAL A 139 -0.01 -3.41 11.08
CA VAL A 139 0.47 -3.02 12.40
C VAL A 139 -0.10 -1.74 12.97
N LYS A 140 -0.75 -1.86 14.11
CA LYS A 140 -1.34 -0.73 14.82
C LYS A 140 -1.83 -1.25 16.16
N PRO A 141 -1.94 -0.38 17.16
CA PRO A 141 -2.42 -0.83 18.48
C PRO A 141 -3.76 -1.54 18.36
N GLY A 142 -3.92 -2.63 19.09
CA GLY A 142 -5.18 -3.37 19.04
C GLY A 142 -5.12 -4.64 18.23
N ILE A 143 -4.30 -4.67 17.19
CA ILE A 143 -4.18 -5.85 16.35
C ILE A 143 -3.38 -6.90 17.12
N ASN A 144 -3.74 -8.17 16.94
CA ASN A 144 -3.05 -9.26 17.61
C ASN A 144 -1.98 -9.82 16.69
N LEU A 145 -0.84 -10.19 17.25
CA LEU A 145 0.24 -10.77 16.44
C LEU A 145 -0.24 -12.01 15.70
N ARG A 146 -1.19 -12.72 16.29
CA ARG A 146 -1.70 -13.93 15.65
C ARG A 146 -2.39 -13.59 14.34
N GLU A 147 -3.08 -12.44 14.31
CA GLU A 147 -3.78 -12.01 13.10
C GLU A 147 -2.78 -11.64 12.01
N ILE A 148 -1.66 -11.04 12.40
CA ILE A 148 -0.63 -10.67 11.44
C ILE A 148 -0.01 -11.94 10.87
N GLY A 149 0.28 -12.90 11.75
CA GLY A 149 0.85 -14.16 11.31
C GLY A 149 -0.10 -14.87 10.36
N ALA A 150 -1.38 -14.86 10.70
CA ALA A 150 -2.40 -15.51 9.88
C ALA A 150 -2.47 -14.86 8.49
N ALA A 151 -2.39 -13.53 8.46
CA ALA A 151 -2.47 -12.80 7.20
C ALA A 151 -1.29 -13.13 6.28
N ILE A 152 -0.09 -13.16 6.85
CA ILE A 152 1.11 -13.47 6.07
C ILE A 152 0.96 -14.86 5.46
N GLN A 153 0.59 -15.83 6.28
CA GLN A 153 0.42 -17.20 5.82
C GLN A 153 -0.65 -17.34 4.73
N LYS A 154 -1.80 -16.70 4.95
CA LYS A 154 -2.88 -16.77 3.97
C LYS A 154 -2.43 -16.26 2.61
N PHE A 155 -1.72 -15.13 2.62
CA PHE A 155 -1.24 -14.54 1.38
C PHE A 155 -0.18 -15.41 0.69
N VAL A 156 0.82 -15.82 1.46
CA VAL A 156 1.90 -16.66 0.92
C VAL A 156 1.36 -17.94 0.30
N GLU A 157 0.46 -18.62 1.00
CA GLU A 157 -0.09 -19.86 0.49
C GLU A 157 -1.03 -19.62 -0.69
N ALA A 158 -1.73 -18.50 -0.70
CA ALA A 158 -2.63 -18.16 -1.79
C ALA A 158 -1.83 -17.89 -3.06
N GLU A 159 -0.56 -17.54 -2.89
CA GLU A 159 0.30 -17.26 -4.04
C GLU A 159 1.18 -18.46 -4.41
N GLY A 160 0.80 -19.63 -3.91
CA GLY A 160 1.51 -20.86 -4.24
C GLY A 160 2.81 -21.21 -3.53
N PHE A 161 3.11 -20.52 -2.42
CA PHE A 161 4.35 -20.81 -1.69
C PHE A 161 4.08 -21.25 -0.26
N SER A 162 5.14 -21.52 0.50
CA SER A 162 5.02 -21.95 1.89
C SER A 162 5.80 -21.06 2.87
N VAL A 163 5.37 -21.07 4.14
CA VAL A 163 6.01 -20.26 5.17
C VAL A 163 6.80 -21.09 6.18
N VAL A 164 8.06 -20.73 6.39
CA VAL A 164 8.90 -21.42 7.35
C VAL A 164 8.36 -21.15 8.75
N ARG A 165 8.23 -22.22 9.54
CA ARG A 165 7.67 -22.12 10.89
C ARG A 165 8.69 -21.98 12.02
N GLU A 166 9.83 -22.66 11.89
CA GLU A 166 10.87 -22.68 12.91
C GLU A 166 11.55 -21.38 13.27
N TYR A 167 11.55 -20.42 12.35
CA TYR A 167 12.18 -19.14 12.61
C TYR A 167 11.14 -18.05 12.53
N CYS A 168 11.35 -16.97 13.28
CA CYS A 168 10.37 -15.89 13.32
C CYS A 168 10.95 -14.52 13.63
N GLY A 169 10.07 -13.53 13.62
CA GLY A 169 10.44 -12.17 13.93
C GLY A 169 10.61 -12.07 15.44
N HIS A 170 11.01 -10.92 15.94
CA HIS A 170 11.25 -10.80 17.38
C HIS A 170 11.29 -9.37 17.88
N GLY A 171 11.04 -9.22 19.18
CA GLY A 171 11.12 -7.90 19.79
C GLY A 171 12.58 -7.53 19.67
N ILE A 172 12.90 -6.25 19.75
CA ILE A 172 14.28 -5.80 19.62
C ILE A 172 14.47 -4.44 20.29
N GLY A 173 15.67 -4.20 20.81
CA GLY A 173 15.94 -2.93 21.46
C GLY A 173 17.39 -2.95 21.93
N ARG A 174 17.60 -2.89 23.25
CA ARG A 174 18.95 -2.95 23.76
C ARG A 174 19.37 -4.41 23.63
N GLY A 175 18.38 -5.27 23.42
CA GLY A 175 18.63 -6.69 23.24
C GLY A 175 18.40 -7.08 21.79
N PHE A 176 19.20 -8.02 21.28
CA PHE A 176 19.11 -8.51 19.90
C PHE A 176 17.71 -9.09 19.68
N HIS A 177 17.38 -10.08 20.49
CA HIS A 177 16.07 -10.73 20.43
C HIS A 177 15.37 -10.57 21.76
N GLU A 178 14.20 -9.96 21.75
CA GLU A 178 13.43 -9.74 22.97
C GLU A 178 12.00 -10.20 22.69
N GLU A 179 11.18 -10.19 23.73
CA GLU A 179 9.78 -10.56 23.55
C GLU A 179 9.20 -9.39 22.75
N PRO A 180 8.16 -9.64 21.95
CA PRO A 180 7.53 -10.94 21.78
C PRO A 180 8.06 -11.71 20.57
N GLN A 181 7.53 -12.92 20.41
CA GLN A 181 7.88 -13.79 19.30
C GLN A 181 6.94 -13.34 18.18
N VAL A 182 7.47 -13.14 16.97
CA VAL A 182 6.63 -12.72 15.86
C VAL A 182 6.56 -13.78 14.77
N LEU A 183 5.62 -14.71 14.94
CA LEU A 183 5.45 -15.80 13.98
C LEU A 183 4.88 -15.28 12.67
N HIS A 184 5.22 -15.94 11.57
CA HIS A 184 4.75 -15.54 10.26
C HIS A 184 3.63 -16.46 9.77
N TYR A 185 2.97 -17.11 10.72
CA TYR A 185 1.86 -18.01 10.41
C TYR A 185 0.88 -17.98 11.59
N ASP A 186 -0.29 -18.58 11.41
CA ASP A 186 -1.29 -18.60 12.46
C ASP A 186 -1.02 -19.75 13.44
N SER A 187 -0.75 -19.39 14.70
CA SER A 187 -0.48 -20.39 15.73
C SER A 187 -1.36 -20.16 16.95
N ARG A 188 -1.87 -21.25 17.51
CA ARG A 188 -2.72 -21.21 18.69
C ARG A 188 -1.93 -20.70 19.90
N GLU A 189 -0.61 -20.77 19.80
CA GLU A 189 0.27 -20.32 20.88
C GLU A 189 0.32 -18.81 20.99
N THR A 190 0.00 -18.13 19.91
CA THR A 190 0.08 -16.68 19.86
C THR A 190 -1.13 -15.87 20.30
N ASN A 191 -0.88 -14.93 21.22
CA ASN A 191 -1.91 -14.02 21.71
C ASN A 191 -1.22 -12.80 22.29
N VAL A 192 -0.94 -11.82 21.42
CA VAL A 192 -0.28 -10.60 21.83
C VAL A 192 -0.97 -9.40 21.17
N VAL A 193 -1.60 -8.57 22.00
CA VAL A 193 -2.27 -7.38 21.51
C VAL A 193 -1.24 -6.26 21.42
N LEU A 194 -1.06 -5.71 20.23
CA LEU A 194 -0.07 -4.66 20.05
C LEU A 194 -0.43 -3.38 20.79
N LYS A 195 0.61 -2.73 21.30
CA LYS A 195 0.48 -1.49 22.06
C LYS A 195 1.55 -0.53 21.54
N PRO A 196 1.28 0.78 21.56
CA PRO A 196 2.28 1.73 21.08
C PRO A 196 3.56 1.67 21.91
N GLY A 197 4.71 1.80 21.27
CA GLY A 197 5.97 1.75 21.98
C GLY A 197 6.68 0.42 21.81
N MET A 198 5.96 -0.60 21.38
CA MET A 198 6.57 -1.90 21.16
C MET A 198 7.43 -1.86 19.90
N THR A 199 8.62 -2.45 19.98
CA THR A 199 9.50 -2.48 18.82
C THR A 199 9.83 -3.93 18.52
N PHE A 200 9.70 -4.32 17.25
CA PHE A 200 9.99 -5.68 16.87
C PHE A 200 10.25 -5.82 15.37
N THR A 201 10.62 -7.01 14.95
CA THR A 201 10.90 -7.24 13.54
C THR A 201 9.88 -8.18 12.93
N ILE A 202 9.76 -8.11 11.60
CA ILE A 202 8.90 -8.99 10.84
C ILE A 202 9.86 -9.43 9.75
N GLU A 203 10.05 -10.74 9.61
CA GLU A 203 11.02 -11.25 8.64
C GLU A 203 10.62 -12.59 8.07
N PRO A 204 9.51 -12.62 7.30
CA PRO A 204 9.07 -13.88 6.71
C PRO A 204 10.05 -14.57 5.80
N MET A 205 10.16 -15.89 5.97
CA MET A 205 11.00 -16.75 5.14
C MET A 205 9.97 -17.55 4.37
N VAL A 206 10.06 -17.50 3.05
CA VAL A 206 9.11 -18.18 2.18
C VAL A 206 9.83 -19.16 1.25
N ASN A 207 9.33 -20.38 1.19
CA ASN A 207 9.92 -21.40 0.32
C ASN A 207 9.06 -21.57 -0.93
N ALA A 208 9.72 -21.83 -2.05
CA ALA A 208 9.01 -22.03 -3.31
C ALA A 208 8.30 -23.38 -3.25
N GLY A 209 8.90 -24.31 -2.51
CA GLY A 209 8.32 -25.64 -2.36
C GLY A 209 7.62 -25.85 -1.04
N LYS A 210 8.01 -26.90 -0.31
CA LYS A 210 7.39 -27.21 0.98
C LYS A 210 8.02 -26.43 2.12
N LYS A 211 7.29 -26.32 3.24
CA LYS A 211 7.76 -25.56 4.39
C LYS A 211 8.89 -26.16 5.23
N GLU A 212 9.03 -27.49 5.20
CA GLU A 212 10.05 -28.16 6.01
C GLU A 212 11.48 -27.69 5.75
N ILE A 213 12.25 -27.58 6.83
CA ILE A 213 13.64 -27.15 6.73
C ILE A 213 14.56 -28.18 7.39
N ARG A 214 15.86 -27.94 7.25
CA ARG A 214 16.88 -28.79 7.83
C ARG A 214 18.06 -27.92 8.22
N THR A 215 18.71 -28.26 9.34
CA THR A 215 19.86 -27.49 9.79
C THR A 215 21.14 -28.26 9.52
N MET A 216 22.13 -27.56 8.99
CA MET A 216 23.41 -28.18 8.68
C MET A 216 24.23 -28.42 9.94
N LYS A 217 25.32 -29.15 9.79
CA LYS A 217 26.19 -29.47 10.92
C LYS A 217 26.82 -28.25 11.61
N ASP A 218 27.02 -27.16 10.88
CA ASP A 218 27.62 -25.98 11.50
C ASP A 218 26.72 -25.35 12.56
N GLY A 219 25.48 -25.83 12.65
CA GLY A 219 24.55 -25.31 13.64
C GLY A 219 23.87 -24.00 13.30
N TRP A 220 24.22 -23.41 12.16
CA TRP A 220 23.62 -22.15 11.75
C TRP A 220 22.88 -22.23 10.42
N THR A 221 23.56 -22.72 9.40
CA THR A 221 22.98 -22.83 8.07
C THR A 221 21.71 -23.67 8.00
N VAL A 222 20.61 -23.01 7.64
CA VAL A 222 19.31 -23.68 7.50
C VAL A 222 18.94 -23.75 6.03
N LYS A 223 18.54 -24.94 5.57
CA LYS A 223 18.15 -25.13 4.16
C LYS A 223 16.76 -25.72 4.06
N THR A 224 16.14 -25.61 2.89
CA THR A 224 14.83 -26.20 2.69
C THR A 224 15.05 -27.69 2.57
N LYS A 225 14.20 -28.47 3.24
CA LYS A 225 14.34 -29.92 3.20
C LYS A 225 14.23 -30.47 1.77
N ASP A 226 13.41 -29.84 0.93
CA ASP A 226 13.25 -30.29 -0.45
C ASP A 226 14.18 -29.58 -1.43
N ARG A 227 15.09 -28.77 -0.89
CA ARG A 227 16.06 -28.02 -1.66
C ARG A 227 15.46 -26.99 -2.63
N SER A 228 14.24 -26.55 -2.34
CA SER A 228 13.59 -25.54 -3.16
C SER A 228 14.15 -24.18 -2.73
N LEU A 229 13.93 -23.16 -3.55
CA LEU A 229 14.41 -21.82 -3.22
C LEU A 229 13.68 -21.25 -2.01
N SER A 230 14.35 -20.37 -1.28
CA SER A 230 13.75 -19.73 -0.12
C SER A 230 14.17 -18.27 -0.11
N ALA A 231 13.23 -17.39 0.18
CA ALA A 231 13.51 -15.95 0.20
C ALA A 231 13.06 -15.32 1.50
N GLN A 232 13.66 -14.18 1.83
CA GLN A 232 13.33 -13.47 3.06
C GLN A 232 13.64 -11.99 2.97
N TYR A 233 12.79 -11.18 3.64
CA TYR A 233 12.97 -9.74 3.75
C TYR A 233 12.64 -9.43 5.20
N GLU A 234 13.34 -8.47 5.78
CA GLU A 234 13.10 -8.11 7.18
C GLU A 234 13.18 -6.61 7.41
N HIS A 235 12.33 -6.13 8.30
CA HIS A 235 12.33 -4.72 8.69
C HIS A 235 12.10 -4.66 10.19
N THR A 236 12.67 -3.63 10.82
CA THR A 236 12.47 -3.40 12.25
C THR A 236 11.48 -2.24 12.32
N ILE A 237 10.53 -2.33 13.22
CA ILE A 237 9.52 -1.30 13.35
C ILE A 237 9.18 -0.95 14.79
N VAL A 238 8.46 0.14 14.95
CA VAL A 238 7.97 0.55 16.26
C VAL A 238 6.48 0.79 16.05
N VAL A 239 5.68 0.32 17.00
CA VAL A 239 4.24 0.51 16.90
C VAL A 239 3.97 1.93 17.39
N THR A 240 3.21 2.69 16.61
CA THR A 240 2.88 4.06 16.95
C THR A 240 1.46 4.12 17.51
N ASP A 241 0.99 5.30 17.87
CA ASP A 241 -0.36 5.43 18.42
C ASP A 241 -1.46 4.97 17.49
N ASN A 242 -1.21 5.03 16.18
CA ASN A 242 -2.22 4.64 15.20
C ASN A 242 -1.66 3.87 14.00
N GLY A 243 -0.55 3.16 14.19
CA GLY A 243 0.03 2.42 13.09
C GLY A 243 1.43 1.97 13.43
N CYS A 244 2.38 2.20 12.53
CA CYS A 244 3.76 1.83 12.80
C CYS A 244 4.73 2.68 12.00
N GLU A 245 5.98 2.64 12.42
CA GLU A 245 7.02 3.37 11.74
C GLU A 245 8.13 2.38 11.45
N ILE A 246 8.51 2.29 10.17
CA ILE A 246 9.58 1.39 9.75
C ILE A 246 10.89 2.12 10.01
N LEU A 247 11.75 1.49 10.81
CA LEU A 247 13.02 2.10 11.19
C LEU A 247 14.18 1.73 10.27
N THR A 248 13.97 0.74 9.42
CA THR A 248 15.01 0.28 8.51
C THR A 248 14.67 0.48 7.03
N LEU A 249 13.86 1.49 6.72
CA LEU A 249 13.47 1.73 5.34
C LEU A 249 14.65 2.12 4.44
N ARG A 250 14.60 1.64 3.19
CA ARG A 250 15.64 1.94 2.20
C ARG A 250 15.02 2.70 1.02
N LYS A 251 15.87 3.32 0.23
CA LYS A 251 15.41 4.08 -0.93
C LYS A 251 14.62 3.19 -1.89
N ASP A 252 14.99 1.92 -1.99
CA ASP A 252 14.32 1.01 -2.90
C ASP A 252 12.99 0.43 -2.39
N ASP A 253 12.69 0.65 -1.11
CA ASP A 253 11.43 0.17 -0.56
C ASP A 253 10.32 0.93 -1.27
N THR A 254 9.19 0.27 -1.52
CA THR A 254 8.08 0.91 -2.20
C THR A 254 6.88 1.10 -1.27
N ILE A 255 7.20 1.39 -0.01
CA ILE A 255 6.21 1.62 1.02
C ILE A 255 6.80 2.74 1.88
N PRO A 256 5.98 3.69 2.34
CA PRO A 256 6.51 4.78 3.17
C PRO A 256 6.96 4.30 4.54
N ALA A 257 7.80 5.09 5.21
CA ALA A 257 8.31 4.73 6.52
C ALA A 257 7.24 4.78 7.60
N ILE A 258 6.36 5.78 7.51
CA ILE A 258 5.30 5.92 8.49
C ILE A 258 3.97 5.48 7.89
N ILE A 259 3.35 4.49 8.52
CA ILE A 259 2.07 3.97 8.06
C ILE A 259 1.06 4.28 9.15
N SER A 260 0.27 5.33 8.94
CA SER A 260 -0.73 5.76 9.90
C SER A 260 -2.11 5.35 9.41
N HIS A 261 -2.96 4.90 10.33
CA HIS A 261 -4.31 4.49 9.97
C HIS A 261 -5.36 5.56 10.27
N ASP A 262 -4.90 6.80 10.41
CA ASP A 262 -5.81 7.91 10.68
C ASP A 262 -6.48 8.40 9.40
N GLU A 263 -7.48 9.24 9.57
CA GLU A 263 -8.20 9.82 8.45
C GLU A 263 -7.86 11.31 8.40
N SER B 3 -21.95 14.64 10.67
CA SER B 3 -21.30 15.93 11.02
C SER B 3 -21.77 17.06 10.12
N ILE B 4 -21.96 18.23 10.71
CA ILE B 4 -22.42 19.40 9.97
C ILE B 4 -21.30 20.43 9.87
N LYS B 5 -20.93 20.78 8.65
CA LYS B 5 -19.87 21.75 8.42
C LYS B 5 -20.39 23.17 8.58
N THR B 6 -19.52 24.06 9.06
CA THR B 6 -19.89 25.46 9.24
C THR B 6 -19.65 26.15 7.91
N PRO B 7 -20.27 27.32 7.71
CA PRO B 7 -20.09 28.06 6.44
C PRO B 7 -18.60 28.25 6.15
N GLU B 8 -17.82 28.46 7.21
CA GLU B 8 -16.38 28.67 7.06
C GLU B 8 -15.71 27.40 6.54
N ASP B 9 -16.11 26.25 7.09
CA ASP B 9 -15.55 24.97 6.65
C ASP B 9 -15.90 24.74 5.19
N ILE B 10 -17.17 24.96 4.86
CA ILE B 10 -17.66 24.76 3.50
C ILE B 10 -16.90 25.60 2.49
N GLU B 11 -16.54 26.82 2.87
CA GLU B 11 -15.79 27.68 1.96
C GLU B 11 -14.43 27.04 1.70
N LYS B 12 -13.84 26.45 2.73
CA LYS B 12 -12.55 25.80 2.58
C LYS B 12 -12.68 24.55 1.70
N MET B 13 -13.82 23.87 1.80
CA MET B 13 -14.03 22.69 0.99
C MET B 13 -14.28 23.08 -0.46
N ARG B 14 -14.83 24.28 -0.68
CA ARG B 14 -15.06 24.75 -2.03
C ARG B 14 -13.70 24.93 -2.69
N VAL B 15 -12.77 25.50 -1.93
CA VAL B 15 -11.42 25.73 -2.43
C VAL B 15 -10.71 24.41 -2.75
N ALA B 16 -10.72 23.49 -1.78
CA ALA B 16 -10.08 22.19 -1.97
C ALA B 16 -10.73 21.41 -3.10
N GLY B 17 -12.05 21.46 -3.17
CA GLY B 17 -12.77 20.76 -4.21
C GLY B 17 -12.43 21.29 -5.59
N ARG B 18 -12.32 22.61 -5.69
CA ARG B 18 -11.97 23.24 -6.96
C ARG B 18 -10.55 22.83 -7.37
N LEU B 19 -9.65 22.74 -6.40
CA LEU B 19 -8.27 22.36 -6.71
C LEU B 19 -8.20 20.94 -7.28
N ALA B 20 -8.93 20.01 -6.67
CA ALA B 20 -8.93 18.63 -7.16
C ALA B 20 -9.52 18.55 -8.56
N ALA B 21 -10.60 19.29 -8.78
CA ALA B 21 -11.26 19.31 -10.07
C ALA B 21 -10.31 19.87 -11.13
N GLU B 22 -9.57 20.91 -10.75
CA GLU B 22 -8.62 21.55 -11.65
C GLU B 22 -7.51 20.59 -12.08
N VAL B 23 -7.13 19.67 -11.21
CA VAL B 23 -6.10 18.69 -11.57
C VAL B 23 -6.62 17.80 -12.68
N LEU B 24 -7.88 17.38 -12.57
CA LEU B 24 -8.48 16.53 -13.58
C LEU B 24 -8.68 17.28 -14.89
N GLU B 25 -8.93 18.59 -14.81
CA GLU B 25 -9.10 19.38 -16.03
C GLU B 25 -7.75 19.49 -16.72
N MET B 26 -6.71 19.77 -15.94
CA MET B 26 -5.35 19.94 -16.44
C MET B 26 -4.77 18.68 -17.08
N ILE B 27 -4.99 17.53 -16.46
CA ILE B 27 -4.42 16.27 -16.94
C ILE B 27 -5.04 15.66 -18.21
N GLU B 28 -6.28 15.99 -18.49
CA GLU B 28 -6.99 15.42 -19.64
C GLU B 28 -6.18 15.32 -20.95
N PRO B 29 -5.60 16.44 -21.43
CA PRO B 29 -4.81 16.40 -22.67
C PRO B 29 -3.61 15.46 -22.63
N TYR B 30 -3.14 15.13 -21.43
CA TYR B 30 -1.99 14.25 -21.28
C TYR B 30 -2.32 12.77 -21.42
N VAL B 31 -3.59 12.42 -21.22
CA VAL B 31 -4.01 11.02 -21.29
C VAL B 31 -4.09 10.54 -22.74
N LYS B 32 -2.95 10.12 -23.27
CA LYS B 32 -2.86 9.66 -24.64
C LYS B 32 -2.10 8.34 -24.72
N PRO B 33 -2.26 7.59 -25.82
CA PRO B 33 -1.54 6.32 -25.93
C PRO B 33 -0.04 6.57 -25.84
N GLY B 34 0.65 5.68 -25.13
CA GLY B 34 2.09 5.82 -25.01
C GLY B 34 2.55 6.40 -23.68
N VAL B 35 1.69 7.20 -23.04
CA VAL B 35 2.06 7.79 -21.75
C VAL B 35 1.98 6.72 -20.67
N SER B 36 2.84 6.82 -19.66
CA SER B 36 2.80 5.85 -18.57
C SER B 36 1.98 6.40 -17.42
N THR B 37 1.36 5.52 -16.65
CA THR B 37 0.54 5.97 -15.53
C THR B 37 1.45 6.62 -14.49
N GLY B 38 2.71 6.18 -14.45
CA GLY B 38 3.65 6.77 -13.51
C GLY B 38 3.92 8.22 -13.85
N GLU B 39 3.99 8.52 -15.15
CA GLU B 39 4.24 9.87 -15.61
C GLU B 39 3.03 10.77 -15.29
N LEU B 40 1.83 10.24 -15.49
CA LEU B 40 0.63 11.01 -15.22
C LEU B 40 0.59 11.37 -13.73
N ASP B 41 0.99 10.43 -12.89
CA ASP B 41 1.02 10.65 -11.44
C ASP B 41 1.97 11.77 -11.10
N ARG B 42 3.15 11.78 -11.74
CA ARG B 42 4.14 12.83 -11.49
C ARG B 42 3.64 14.18 -11.96
N ILE B 43 3.01 14.21 -13.12
CA ILE B 43 2.47 15.44 -13.69
C ILE B 43 1.43 16.03 -12.74
N CYS B 44 0.56 15.17 -12.23
CA CYS B 44 -0.48 15.63 -11.30
C CYS B 44 0.14 16.14 -10.01
N ASN B 45 1.07 15.39 -9.44
CA ASN B 45 1.69 15.80 -8.20
C ASN B 45 2.47 17.10 -8.35
N ASP B 46 3.21 17.24 -9.44
CA ASP B 46 3.99 18.45 -9.68
C ASP B 46 3.05 19.67 -9.74
N TYR B 47 1.91 19.52 -10.40
CA TYR B 47 0.97 20.62 -10.52
C TYR B 47 0.40 20.99 -9.16
N ILE B 48 -0.03 19.98 -8.41
CA ILE B 48 -0.61 20.17 -7.10
C ILE B 48 0.34 20.87 -6.14
N VAL B 49 1.56 20.36 -6.03
CA VAL B 49 2.56 20.91 -5.11
C VAL B 49 3.25 22.20 -5.59
N ASN B 50 3.77 22.18 -6.81
CA ASN B 50 4.49 23.32 -7.36
C ASN B 50 3.65 24.49 -7.84
N GLU B 51 2.43 24.22 -8.32
CA GLU B 51 1.62 25.30 -8.83
C GLU B 51 0.41 25.66 -7.96
N GLN B 52 -0.31 24.66 -7.47
CA GLN B 52 -1.47 24.92 -6.61
C GLN B 52 -1.04 25.18 -5.18
N HIS B 53 0.18 24.76 -4.85
CA HIS B 53 0.73 24.91 -3.50
C HIS B 53 -0.13 24.21 -2.47
N ALA B 54 -0.59 23.02 -2.85
CA ALA B 54 -1.40 22.19 -1.97
C ALA B 54 -0.69 20.83 -1.99
N VAL B 55 -1.36 19.79 -1.49
CA VAL B 55 -0.75 18.48 -1.48
C VAL B 55 -1.78 17.39 -1.73
N SER B 56 -1.28 16.22 -2.12
CA SER B 56 -2.14 15.06 -2.38
C SER B 56 -2.48 14.43 -1.03
N ALA B 57 -3.75 14.07 -0.86
CA ALA B 57 -4.19 13.44 0.38
C ALA B 57 -3.95 11.93 0.31
N CYS B 58 -3.73 11.42 -0.89
CA CYS B 58 -3.50 9.99 -1.08
C CYS B 58 -2.07 9.60 -0.75
N LEU B 59 -1.13 10.48 -1.06
CA LEU B 59 0.27 10.21 -0.79
C LEU B 59 0.51 10.01 0.70
N GLY B 60 0.74 8.77 1.09
CA GLY B 60 0.96 8.46 2.49
C GLY B 60 -0.27 7.96 3.21
N TYR B 61 -1.42 7.97 2.53
CA TYR B 61 -2.65 7.50 3.17
C TYR B 61 -2.61 6.01 3.43
N HIS B 62 -2.56 5.64 4.71
CA HIS B 62 -2.50 4.25 5.13
C HIS B 62 -1.43 3.50 4.35
N GLY B 63 -0.32 4.20 4.07
CA GLY B 63 0.78 3.58 3.36
C GLY B 63 0.77 3.69 1.84
N TYR B 64 -0.24 4.32 1.26
CA TYR B 64 -0.30 4.47 -0.20
C TYR B 64 0.97 5.19 -0.67
N PRO B 65 1.68 4.62 -1.65
CA PRO B 65 2.92 5.18 -2.19
C PRO B 65 2.89 6.28 -3.25
N LYS B 66 1.76 6.50 -3.89
CA LYS B 66 1.69 7.52 -4.94
C LYS B 66 0.79 8.70 -4.61
N SER B 67 0.66 9.64 -5.56
CA SER B 67 -0.13 10.84 -5.34
C SER B 67 -1.58 10.75 -5.79
N VAL B 68 -1.82 9.97 -6.85
CA VAL B 68 -3.17 9.78 -7.35
C VAL B 68 -3.37 8.29 -7.58
N CYS B 69 -4.61 7.88 -7.79
CA CYS B 69 -4.92 6.49 -8.09
C CYS B 69 -5.30 6.45 -9.55
N ILE B 70 -4.69 5.54 -10.30
CA ILE B 70 -5.00 5.41 -11.72
C ILE B 70 -5.37 3.96 -11.99
N SER B 71 -6.63 3.76 -12.38
CA SER B 71 -7.16 2.44 -12.64
C SER B 71 -7.51 2.26 -14.11
N ILE B 72 -6.98 1.18 -14.70
CA ILE B 72 -7.20 0.88 -16.10
C ILE B 72 -8.03 -0.37 -16.36
N ASN B 73 -8.97 -0.25 -17.27
CA ASN B 73 -9.84 -1.34 -17.69
C ASN B 73 -10.48 -2.19 -16.59
N GLU B 74 -10.03 -3.43 -16.42
CA GLU B 74 -10.62 -4.30 -15.40
C GLU B 74 -10.33 -3.88 -13.97
N VAL B 75 -9.38 -2.97 -13.77
CA VAL B 75 -9.08 -2.49 -12.43
C VAL B 75 -10.26 -1.64 -11.98
N VAL B 76 -10.81 -1.96 -10.81
CA VAL B 76 -11.97 -1.26 -10.26
C VAL B 76 -11.60 0.05 -9.58
N CYS B 77 -10.53 0.02 -8.80
CA CYS B 77 -10.10 1.21 -8.08
C CYS B 77 -8.74 1.03 -7.42
N HIS B 78 -8.19 2.14 -6.93
CA HIS B 78 -6.92 2.16 -6.23
C HIS B 78 -5.72 1.61 -6.99
N GLY B 79 -5.77 1.68 -8.32
CA GLY B 79 -4.64 1.22 -9.11
C GLY B 79 -3.44 2.10 -8.82
N ILE B 80 -2.26 1.50 -8.73
CA ILE B 80 -1.05 2.25 -8.42
C ILE B 80 -0.29 2.68 -9.67
N PRO B 81 0.00 3.99 -9.80
CA PRO B 81 0.73 4.49 -10.96
C PRO B 81 2.05 3.73 -11.08
N ASP B 82 2.41 3.35 -12.31
CA ASP B 82 3.62 2.59 -12.56
C ASP B 82 4.35 3.16 -13.79
N ASP B 83 5.63 3.45 -13.65
CA ASP B 83 6.40 4.01 -14.75
C ASP B 83 6.47 3.11 -15.98
N ALA B 84 6.18 1.82 -15.80
CA ALA B 84 6.23 0.88 -16.90
C ALA B 84 4.89 0.56 -17.54
N LYS B 85 3.80 1.04 -16.92
CA LYS B 85 2.46 0.80 -17.46
C LYS B 85 2.09 1.86 -18.48
N LEU B 86 2.07 1.48 -19.76
CA LEU B 86 1.75 2.41 -20.83
C LEU B 86 0.31 2.31 -21.31
N LEU B 87 -0.35 3.46 -21.48
CA LEU B 87 -1.72 3.47 -21.97
C LEU B 87 -1.74 3.14 -23.44
N LYS B 88 -2.83 2.53 -23.89
CA LYS B 88 -2.95 2.15 -25.29
C LYS B 88 -4.36 2.35 -25.81
N ASP B 89 -4.48 2.26 -27.14
CA ASP B 89 -5.73 2.42 -27.84
C ASP B 89 -6.84 1.60 -27.21
N GLY B 90 -7.97 2.24 -26.92
CA GLY B 90 -9.10 1.52 -26.34
C GLY B 90 -9.23 1.50 -24.84
N ASP B 91 -8.13 1.75 -24.12
CA ASP B 91 -8.17 1.73 -22.66
C ASP B 91 -9.14 2.73 -22.04
N ILE B 92 -9.78 2.34 -20.95
CA ILE B 92 -10.63 3.26 -20.22
C ILE B 92 -9.80 3.46 -18.95
N VAL B 93 -9.63 4.72 -18.55
CA VAL B 93 -8.79 5.03 -17.42
C VAL B 93 -9.45 5.94 -16.42
N ASN B 94 -9.37 5.58 -15.15
CA ASN B 94 -9.90 6.44 -14.10
C ASN B 94 -8.73 7.05 -13.36
N ILE B 95 -8.77 8.36 -13.16
CA ILE B 95 -7.75 9.04 -12.39
C ILE B 95 -8.50 9.61 -11.20
N ASP B 96 -8.13 9.17 -10.01
CA ASP B 96 -8.77 9.62 -8.77
C ASP B 96 -7.83 10.60 -8.09
N VAL B 97 -8.31 11.81 -7.87
CA VAL B 97 -7.52 12.87 -7.25
C VAL B 97 -8.13 13.35 -5.94
N THR B 98 -7.30 13.47 -4.91
CA THR B 98 -7.76 13.98 -3.62
C THR B 98 -6.70 14.98 -3.16
N VAL B 99 -7.15 16.21 -2.94
CA VAL B 99 -6.25 17.28 -2.50
C VAL B 99 -6.64 17.82 -1.13
N ILE B 100 -5.63 18.24 -0.37
CA ILE B 100 -5.85 18.82 0.94
C ILE B 100 -5.33 20.25 0.88
N LYS B 101 -6.17 21.20 1.27
CA LYS B 101 -5.77 22.60 1.28
C LYS B 101 -6.43 23.30 2.45
N ASP B 102 -5.64 24.01 3.23
CA ASP B 102 -6.14 24.75 4.38
C ASP B 102 -6.93 23.82 5.30
N GLY B 103 -6.44 22.59 5.44
CA GLY B 103 -7.07 21.62 6.32
C GLY B 103 -8.22 20.76 5.80
N PHE B 104 -8.73 21.04 4.61
CA PHE B 104 -9.85 20.26 4.09
C PHE B 104 -9.61 19.46 2.81
N HIS B 105 -10.35 18.36 2.66
CA HIS B 105 -10.22 17.48 1.50
C HIS B 105 -11.20 17.75 0.37
N GLY B 106 -10.74 17.43 -0.83
CA GLY B 106 -11.53 17.55 -2.04
C GLY B 106 -11.22 16.25 -2.78
N ASP B 107 -12.23 15.39 -2.96
CA ASP B 107 -12.03 14.08 -3.59
C ASP B 107 -12.90 13.94 -4.84
N THR B 108 -12.27 13.58 -5.97
CA THR B 108 -13.02 13.43 -7.21
C THR B 108 -12.27 12.56 -8.21
N SER B 109 -13.00 11.95 -9.14
CA SER B 109 -12.38 11.12 -10.17
C SER B 109 -13.27 11.10 -11.40
N LYS B 110 -12.69 10.76 -12.54
CA LYS B 110 -13.44 10.68 -13.79
C LYS B 110 -12.76 9.68 -14.70
N MET B 111 -13.48 9.27 -15.74
CA MET B 111 -12.97 8.33 -16.72
C MET B 111 -12.45 9.06 -17.95
N PHE B 112 -11.43 8.48 -18.57
CA PHE B 112 -10.85 9.00 -19.79
C PHE B 112 -10.74 7.81 -20.72
N ILE B 113 -11.04 7.97 -22.00
CA ILE B 113 -10.88 6.87 -22.93
C ILE B 113 -9.72 7.19 -23.84
N VAL B 114 -8.77 6.26 -23.93
CA VAL B 114 -7.56 6.44 -24.73
C VAL B 114 -7.71 6.05 -26.20
N GLY B 115 -7.31 6.95 -27.09
CA GLY B 115 -7.39 6.67 -28.50
C GLY B 115 -8.81 6.37 -28.97
N LYS B 116 -8.95 5.36 -29.83
CA LYS B 116 -10.26 4.99 -30.34
C LYS B 116 -11.06 4.24 -29.29
N PRO B 117 -12.20 4.82 -28.87
CA PRO B 117 -13.02 4.14 -27.86
C PRO B 117 -13.73 2.92 -28.41
N THR B 118 -13.92 1.93 -27.56
CA THR B 118 -14.63 0.72 -27.95
C THR B 118 -16.09 0.99 -27.61
N ILE B 119 -16.99 0.26 -28.24
CA ILE B 119 -18.42 0.43 -27.99
C ILE B 119 -18.78 0.22 -26.53
N MET B 120 -18.27 -0.85 -25.94
CA MET B 120 -18.56 -1.14 -24.54
C MET B 120 -17.86 -0.19 -23.59
N GLY B 121 -16.68 0.28 -23.96
CA GLY B 121 -15.97 1.21 -23.11
C GLY B 121 -16.74 2.52 -23.01
N GLU B 122 -17.17 3.04 -24.15
CA GLU B 122 -17.92 4.29 -24.17
C GLU B 122 -19.23 4.15 -23.40
N ARG B 123 -19.95 3.05 -23.63
CA ARG B 123 -21.22 2.82 -22.96
C ARG B 123 -21.07 2.71 -21.45
N LEU B 124 -20.11 1.91 -21.01
CA LEU B 124 -19.89 1.71 -19.58
C LEU B 124 -19.56 3.04 -18.89
N CYS B 125 -18.65 3.81 -19.47
CA CYS B 125 -18.29 5.09 -18.88
C CYS B 125 -19.46 6.05 -18.85
N ARG B 126 -20.21 6.13 -19.95
CA ARG B 126 -21.36 7.03 -20.02
C ARG B 126 -22.42 6.68 -18.96
N ILE B 127 -22.76 5.41 -18.85
CA ILE B 127 -23.76 4.97 -17.89
C ILE B 127 -23.30 5.21 -16.45
N THR B 128 -22.02 5.01 -16.21
CA THR B 128 -21.48 5.21 -14.87
C THR B 128 -21.61 6.67 -14.47
N GLN B 129 -21.25 7.58 -15.38
CA GLN B 129 -21.37 9.00 -15.06
C GLN B 129 -22.83 9.38 -14.86
N GLU B 130 -23.69 8.78 -15.68
CA GLU B 130 -25.13 9.05 -15.58
C GLU B 130 -25.66 8.56 -14.24
N SER B 131 -25.09 7.48 -13.71
CA SER B 131 -25.55 6.96 -12.43
C SER B 131 -25.15 7.93 -11.32
N LEU B 132 -23.99 8.57 -11.47
CA LEU B 132 -23.54 9.54 -10.48
C LEU B 132 -24.42 10.77 -10.59
N TYR B 133 -24.72 11.18 -11.82
CA TYR B 133 -25.56 12.35 -12.05
C TYR B 133 -26.97 12.22 -11.50
N LEU B 134 -27.63 11.08 -11.68
CA LEU B 134 -28.99 10.98 -11.15
C LEU B 134 -28.96 10.97 -9.62
N ALA B 135 -27.89 10.45 -9.04
CA ALA B 135 -27.76 10.43 -7.59
C ALA B 135 -27.60 11.87 -7.09
N LEU B 136 -26.77 12.63 -7.78
CA LEU B 136 -26.54 14.02 -7.40
C LEU B 136 -27.83 14.85 -7.47
N ARG B 137 -28.67 14.55 -8.46
CA ARG B 137 -29.93 15.27 -8.62
C ARG B 137 -30.95 14.97 -7.53
N MET B 138 -30.70 13.91 -6.76
CA MET B 138 -31.60 13.53 -5.67
C MET B 138 -31.21 14.13 -4.33
N VAL B 139 -29.97 14.60 -4.23
CA VAL B 139 -29.47 15.15 -2.98
C VAL B 139 -30.16 16.42 -2.49
N LYS B 140 -30.79 16.32 -1.33
CA LYS B 140 -31.48 17.46 -0.72
C LYS B 140 -31.88 17.08 0.70
N PRO B 141 -32.08 18.07 1.57
CA PRO B 141 -32.47 17.76 2.95
C PRO B 141 -33.75 16.93 2.97
N GLY B 142 -33.79 15.91 3.83
CA GLY B 142 -34.98 15.08 3.93
C GLY B 142 -34.92 13.77 3.18
N ILE B 143 -34.11 13.71 2.13
CA ILE B 143 -33.98 12.48 1.37
C ILE B 143 -33.09 11.54 2.17
N ASN B 144 -33.36 10.25 2.11
CA ASN B 144 -32.56 9.28 2.83
C ASN B 144 -31.46 8.76 1.92
N LEU B 145 -30.25 8.59 2.45
CA LEU B 145 -29.15 8.07 1.64
C LEU B 145 -29.52 6.74 1.02
N ARG B 146 -30.38 5.99 1.68
CA ARG B 146 -30.78 4.69 1.16
C ARG B 146 -31.47 4.84 -0.19
N GLU B 147 -32.29 5.86 -0.33
CA GLU B 147 -33.00 6.10 -1.59
C GLU B 147 -32.02 6.35 -2.73
N ILE B 148 -30.94 7.06 -2.43
CA ILE B 148 -29.94 7.35 -3.45
C ILE B 148 -29.22 6.08 -3.90
N GLY B 149 -28.82 5.25 -2.95
CA GLY B 149 -28.15 4.01 -3.32
C GLY B 149 -29.08 3.12 -4.13
N ALA B 150 -30.33 3.06 -3.71
CA ALA B 150 -31.32 2.25 -4.41
C ALA B 150 -31.48 2.72 -5.85
N ALA B 151 -31.52 4.04 -6.04
CA ALA B 151 -31.67 4.61 -7.37
C ALA B 151 -30.49 4.33 -8.28
N ILE B 152 -29.28 4.39 -7.72
CA ILE B 152 -28.07 4.11 -8.50
C ILE B 152 -28.10 2.66 -8.99
N GLN B 153 -28.35 1.74 -8.07
CA GLN B 153 -28.39 0.32 -8.41
C GLN B 153 -29.47 0.01 -9.44
N LYS B 154 -30.65 0.56 -9.25
CA LYS B 154 -31.76 0.31 -10.18
C LYS B 154 -31.38 0.71 -11.59
N PHE B 155 -30.82 1.91 -11.73
CA PHE B 155 -30.43 2.43 -13.03
C PHE B 155 -29.33 1.59 -13.67
N VAL B 156 -28.27 1.35 -12.92
CA VAL B 156 -27.14 0.56 -13.40
C VAL B 156 -27.53 -0.84 -13.86
N GLU B 157 -28.30 -1.54 -13.05
CA GLU B 157 -28.71 -2.89 -13.41
C GLU B 157 -29.67 -2.88 -14.59
N ALA B 158 -30.44 -1.80 -14.72
CA ALA B 158 -31.39 -1.69 -15.82
C ALA B 158 -30.62 -1.55 -17.15
N GLU B 159 -29.36 -1.14 -17.05
CA GLU B 159 -28.51 -0.98 -18.21
C GLU B 159 -27.68 -2.23 -18.46
N GLY B 160 -27.92 -3.25 -17.64
CA GLY B 160 -27.21 -4.51 -17.79
C GLY B 160 -25.85 -4.57 -17.14
N PHE B 161 -25.56 -3.62 -16.25
CA PHE B 161 -24.28 -3.60 -15.56
C PHE B 161 -24.47 -3.92 -14.08
N SER B 162 -23.37 -3.98 -13.33
CA SER B 162 -23.45 -4.29 -11.92
C SER B 162 -22.76 -3.23 -11.06
N VAL B 163 -23.20 -3.11 -9.81
CA VAL B 163 -22.61 -2.15 -8.89
C VAL B 163 -21.72 -2.83 -7.86
N VAL B 164 -20.49 -2.36 -7.74
CA VAL B 164 -19.55 -2.92 -6.78
C VAL B 164 -20.09 -2.60 -5.39
N ARG B 165 -20.17 -3.62 -4.55
CA ARG B 165 -20.72 -3.49 -3.20
C ARG B 165 -19.74 -3.07 -2.11
N GLU B 166 -18.53 -3.65 -2.15
CA GLU B 166 -17.51 -3.39 -1.14
C GLU B 166 -17.09 -1.95 -0.90
N TYR B 167 -16.88 -1.20 -1.97
CA TYR B 167 -16.45 0.18 -1.83
C TYR B 167 -17.60 1.17 -1.93
N CYS B 168 -17.51 2.23 -1.14
CA CYS B 168 -18.58 3.22 -1.11
C CYS B 168 -18.12 4.66 -1.01
N GLY B 169 -19.10 5.56 -1.12
CA GLY B 169 -18.84 6.98 -1.00
C GLY B 169 -18.62 7.21 0.49
N HIS B 170 -18.26 8.43 0.88
CA HIS B 170 -17.98 8.67 2.29
C HIS B 170 -18.06 10.13 2.69
N GLY B 171 -18.28 10.35 3.99
CA GLY B 171 -18.29 11.70 4.50
C GLY B 171 -16.88 12.20 4.26
N ILE B 172 -16.70 13.52 4.26
CA ILE B 172 -15.38 14.08 4.00
C ILE B 172 -15.31 15.51 4.56
N GLY B 173 -14.13 15.88 5.04
CA GLY B 173 -13.92 17.21 5.60
C GLY B 173 -12.47 17.33 5.98
N ARG B 174 -12.18 17.48 7.27
CA ARG B 174 -10.80 17.56 7.72
C ARG B 174 -10.26 16.14 7.64
N GLY B 175 -11.16 15.18 7.66
CA GLY B 175 -10.79 13.78 7.56
C GLY B 175 -11.05 13.30 6.13
N PHE B 176 -10.21 12.39 5.65
CA PHE B 176 -10.35 11.85 4.29
C PHE B 176 -11.69 11.13 4.19
N HIS B 177 -11.89 10.14 5.06
CA HIS B 177 -13.13 9.38 5.08
C HIS B 177 -13.78 9.58 6.45
N GLU B 178 -14.99 10.12 6.45
CA GLU B 178 -15.72 10.34 7.69
C GLU B 178 -17.10 9.73 7.51
N GLU B 179 -17.87 9.67 8.60
CA GLU B 179 -19.23 9.14 8.49
C GLU B 179 -19.99 10.19 7.69
N PRO B 180 -21.05 9.76 6.98
CA PRO B 180 -21.53 8.38 6.87
C PRO B 180 -20.96 7.67 5.65
N GLN B 181 -21.22 6.36 5.56
CA GLN B 181 -20.78 5.60 4.41
C GLN B 181 -21.89 5.79 3.39
N VAL B 182 -21.51 5.97 2.13
CA VAL B 182 -22.50 6.17 1.07
C VAL B 182 -22.49 4.98 0.13
N LEU B 183 -23.35 4.00 0.43
CA LEU B 183 -23.46 2.80 -0.39
C LEU B 183 -24.12 3.15 -1.71
N HIS B 184 -23.69 2.49 -2.78
CA HIS B 184 -24.24 2.76 -4.10
C HIS B 184 -25.28 1.72 -4.51
N TYR B 185 -25.91 1.10 -3.52
CA TYR B 185 -26.94 0.10 -3.77
C TYR B 185 -27.94 0.15 -2.61
N ASP B 186 -29.10 -0.47 -2.79
CA ASP B 186 -30.13 -0.47 -1.74
C ASP B 186 -29.73 -1.42 -0.62
N SER B 187 -29.73 -0.91 0.61
CA SER B 187 -29.36 -1.72 1.76
C SER B 187 -30.12 -1.33 3.02
N ARG B 188 -30.56 -2.33 3.78
CA ARG B 188 -31.28 -2.08 5.02
C ARG B 188 -30.33 -1.42 6.02
N GLU B 189 -29.03 -1.58 5.81
CA GLU B 189 -28.04 -0.99 6.71
C GLU B 189 -28.06 0.53 6.67
N THR B 190 -28.62 1.09 5.61
CA THR B 190 -28.64 2.54 5.43
C THR B 190 -29.90 3.26 5.89
N ASN B 191 -29.72 4.17 6.84
CA ASN B 191 -30.80 5.00 7.33
C ASN B 191 -30.21 6.32 7.80
N VAL B 192 -30.02 7.21 6.83
CA VAL B 192 -29.47 8.52 7.09
C VAL B 192 -30.28 9.58 6.34
N VAL B 193 -30.95 10.44 7.10
CA VAL B 193 -31.75 11.51 6.50
C VAL B 193 -30.82 12.70 6.30
N LEU B 194 -30.70 13.16 5.05
CA LEU B 194 -29.81 14.27 4.76
C LEU B 194 -30.23 15.58 5.41
N LYS B 195 -29.24 16.35 5.84
CA LYS B 195 -29.44 17.62 6.50
C LYS B 195 -28.46 18.61 5.89
N PRO B 196 -28.81 19.91 5.89
CA PRO B 196 -27.92 20.93 5.33
C PRO B 196 -26.60 20.98 6.09
N GLY B 197 -25.49 21.12 5.35
CA GLY B 197 -24.20 21.20 6.00
C GLY B 197 -23.40 19.91 5.93
N MET B 198 -24.07 18.81 5.59
CA MET B 198 -23.38 17.54 5.46
C MET B 198 -22.55 17.55 4.19
N THR B 199 -21.34 17.03 4.27
CA THR B 199 -20.48 16.97 3.09
C THR B 199 -20.02 15.54 2.91
N PHE B 200 -20.19 15.01 1.70
CA PHE B 200 -19.79 13.65 1.41
C PHE B 200 -19.56 13.44 -0.07
N THR B 201 -19.09 12.25 -0.42
CA THR B 201 -18.83 11.91 -1.82
C THR B 201 -19.78 10.83 -2.30
N ILE B 202 -19.92 10.74 -3.61
CA ILE B 202 -20.74 9.72 -4.26
C ILE B 202 -19.77 9.26 -5.33
N GLU B 203 -19.46 7.97 -5.36
CA GLU B 203 -18.48 7.46 -6.32
C GLU B 203 -18.76 6.03 -6.77
N PRO B 204 -19.87 5.82 -7.47
CA PRO B 204 -20.21 4.48 -7.94
C PRO B 204 -19.18 3.81 -8.86
N MET B 205 -18.92 2.55 -8.57
CA MET B 205 -18.01 1.74 -9.37
C MET B 205 -18.93 0.76 -10.05
N VAL B 206 -18.91 0.76 -11.37
CA VAL B 206 -19.78 -0.11 -12.16
C VAL B 206 -19.01 -1.09 -13.05
N ASN B 207 -19.37 -2.36 -12.96
CA ASN B 207 -18.73 -3.38 -13.78
C ASN B 207 -19.61 -3.75 -14.97
N ALA B 208 -18.97 -4.04 -16.11
CA ALA B 208 -19.70 -4.42 -17.31
C ALA B 208 -20.28 -5.81 -17.08
N GLY B 209 -19.55 -6.61 -16.31
CA GLY B 209 -19.98 -7.97 -16.02
C GLY B 209 -20.60 -8.11 -14.63
N LYS B 210 -20.12 -9.10 -13.87
CA LYS B 210 -20.63 -9.35 -12.53
C LYS B 210 -20.05 -8.38 -11.48
N LYS B 211 -20.72 -8.29 -10.35
CA LYS B 211 -20.31 -7.37 -9.28
C LYS B 211 -19.10 -7.75 -8.46
N GLU B 212 -18.80 -9.05 -8.39
CA GLU B 212 -17.67 -9.52 -7.58
C GLU B 212 -16.33 -8.89 -7.97
N ILE B 213 -15.51 -8.64 -6.95
CA ILE B 213 -14.19 -8.06 -7.18
C ILE B 213 -13.12 -8.92 -6.53
N ARG B 214 -11.87 -8.58 -6.77
CA ARG B 214 -10.75 -9.32 -6.20
C ARG B 214 -9.61 -8.37 -5.88
N THR B 215 -9.06 -8.52 -4.68
CA THR B 215 -7.94 -7.70 -4.25
C THR B 215 -6.67 -8.32 -4.83
N MET B 216 -5.75 -7.47 -5.28
CA MET B 216 -4.52 -7.98 -5.88
C MET B 216 -3.32 -8.16 -4.95
N LYS B 217 -2.16 -8.35 -5.55
CA LYS B 217 -0.90 -8.61 -4.84
C LYS B 217 -0.16 -7.42 -4.25
N ASP B 218 -0.53 -6.20 -4.62
CA ASP B 218 0.16 -5.02 -4.10
C ASP B 218 -0.51 -4.35 -2.91
N GLY B 219 -1.60 -4.93 -2.43
CA GLY B 219 -2.31 -4.38 -1.29
C GLY B 219 -3.21 -3.18 -1.57
N TRP B 220 -3.39 -2.83 -2.84
CA TRP B 220 -4.24 -1.70 -3.19
C TRP B 220 -5.12 -1.95 -4.40
N THR B 221 -4.51 -2.43 -5.48
CA THR B 221 -5.23 -2.68 -6.71
C THR B 221 -6.37 -3.68 -6.58
N VAL B 222 -7.56 -3.24 -7.00
CA VAL B 222 -8.75 -4.08 -6.96
C VAL B 222 -9.20 -4.28 -8.40
N LYS B 223 -9.52 -5.52 -8.77
CA LYS B 223 -9.97 -5.82 -10.13
C LYS B 223 -11.28 -6.58 -10.11
N THR B 224 -11.95 -6.63 -11.26
CA THR B 224 -13.21 -7.36 -11.35
C THR B 224 -12.85 -8.85 -11.29
N LYS B 225 -13.67 -9.62 -10.59
CA LYS B 225 -13.42 -11.05 -10.47
C LYS B 225 -13.50 -11.76 -11.82
N ASP B 226 -14.44 -11.33 -12.67
CA ASP B 226 -14.62 -11.94 -13.98
C ASP B 226 -13.81 -11.26 -15.10
N ARG B 227 -12.97 -10.31 -14.71
CA ARG B 227 -12.10 -9.59 -15.65
C ARG B 227 -12.84 -8.65 -16.61
N SER B 228 -14.09 -8.32 -16.29
CA SER B 228 -14.85 -7.41 -17.13
C SER B 228 -14.41 -5.98 -16.84
N LEU B 229 -14.76 -5.06 -17.73
CA LEU B 229 -14.39 -3.66 -17.54
C LEU B 229 -15.13 -3.05 -16.35
N SER B 230 -14.51 -2.06 -15.73
CA SER B 230 -15.11 -1.38 -14.59
C SER B 230 -14.84 0.11 -14.72
N ALA B 231 -15.87 0.93 -14.44
CA ALA B 231 -15.72 2.39 -14.53
C ALA B 231 -16.20 3.07 -13.26
N GLN B 232 -15.70 4.28 -13.02
CA GLN B 232 -16.07 5.04 -11.84
C GLN B 232 -15.94 6.54 -12.03
N TYR B 233 -16.84 7.28 -11.39
CA TYR B 233 -16.83 8.74 -11.40
C TYR B 233 -17.12 9.14 -9.97
N GLU B 234 -16.53 10.24 -9.53
CA GLU B 234 -16.74 10.71 -8.16
C GLU B 234 -16.79 12.22 -8.05
N HIS B 235 -17.64 12.68 -7.15
CA HIS B 235 -17.76 14.10 -6.86
C HIS B 235 -17.93 14.29 -5.36
N THR B 236 -17.47 15.43 -4.86
CA THR B 236 -17.62 15.77 -3.46
C THR B 236 -18.70 16.84 -3.45
N ILE B 237 -19.66 16.72 -2.54
CA ILE B 237 -20.74 17.68 -2.46
C ILE B 237 -21.05 18.13 -1.05
N VAL B 238 -21.83 19.21 -0.96
CA VAL B 238 -22.29 19.72 0.32
C VAL B 238 -23.80 19.82 0.19
N VAL B 239 -24.53 19.41 1.21
CA VAL B 239 -25.98 19.50 1.16
C VAL B 239 -26.34 20.93 1.53
N THR B 240 -27.19 21.55 0.71
CA THR B 240 -27.60 22.93 0.96
C THR B 240 -29.01 22.91 1.54
N ASP B 241 -29.58 24.08 1.79
CA ASP B 241 -30.93 24.13 2.35
C ASP B 241 -31.98 23.55 1.41
N ASN B 242 -31.71 23.58 0.10
CA ASN B 242 -32.69 23.07 -0.86
C ASN B 242 -32.15 22.12 -1.93
N GLY B 243 -30.94 21.61 -1.72
CA GLY B 243 -30.38 20.70 -2.70
C GLY B 243 -28.93 20.42 -2.36
N CYS B 244 -28.03 20.67 -3.30
CA CYS B 244 -26.61 20.44 -3.04
C CYS B 244 -25.75 21.29 -3.97
N GLU B 245 -24.47 21.34 -3.64
CA GLU B 245 -23.50 22.07 -4.44
C GLU B 245 -22.39 21.08 -4.72
N ILE B 246 -22.05 20.92 -5.99
CA ILE B 246 -20.99 19.99 -6.39
C ILE B 246 -19.67 20.74 -6.31
N LEU B 247 -18.94 20.52 -5.23
CA LEU B 247 -17.68 21.20 -4.97
C LEU B 247 -16.54 20.86 -5.92
N THR B 248 -16.62 19.71 -6.58
CA THR B 248 -15.58 19.30 -7.50
C THR B 248 -16.01 19.34 -8.97
N LEU B 249 -16.97 20.21 -9.29
CA LEU B 249 -17.44 20.32 -10.67
C LEU B 249 -16.34 20.78 -11.62
N ARG B 250 -16.32 20.20 -12.83
CA ARG B 250 -15.34 20.55 -13.84
C ARG B 250 -16.03 21.21 -15.04
N LYS B 251 -15.22 21.80 -15.92
CA LYS B 251 -15.73 22.45 -17.11
C LYS B 251 -16.46 21.46 -18.02
N ASP B 252 -16.01 20.20 -18.02
CA ASP B 252 -16.62 19.20 -18.87
C ASP B 252 -17.85 18.53 -18.26
N ASP B 253 -18.12 18.79 -16.98
CA ASP B 253 -19.31 18.21 -16.36
C ASP B 253 -20.51 18.81 -17.06
N THR B 254 -21.57 18.02 -17.22
CA THR B 254 -22.78 18.49 -17.88
C THR B 254 -23.96 18.50 -16.92
N ILE B 255 -23.66 18.83 -15.67
CA ILE B 255 -24.64 18.94 -14.61
C ILE B 255 -24.30 20.27 -13.94
N PRO B 256 -25.31 21.02 -13.46
CA PRO B 256 -25.08 22.31 -12.81
C PRO B 256 -24.30 22.20 -11.49
N ALA B 257 -23.54 23.23 -11.17
CA ALA B 257 -22.75 23.27 -9.95
C ALA B 257 -23.65 23.31 -8.72
N ILE B 258 -24.74 24.07 -8.81
CA ILE B 258 -25.67 24.17 -7.70
C ILE B 258 -27.05 23.69 -8.13
N ILE B 259 -27.49 22.61 -7.51
CA ILE B 259 -28.78 22.03 -7.83
C ILE B 259 -29.79 22.44 -6.77
N SER B 260 -30.92 23.00 -7.19
CA SER B 260 -31.94 23.44 -6.26
C SER B 260 -33.27 22.76 -6.53
N HIS B 261 -33.96 22.40 -5.46
CA HIS B 261 -35.27 21.75 -5.57
C HIS B 261 -36.36 22.69 -5.09
N ASP B 262 -35.99 23.95 -4.90
CA ASP B 262 -36.91 25.00 -4.47
C ASP B 262 -37.48 25.71 -5.69
N GLU B 263 -38.63 26.35 -5.51
CA GLU B 263 -39.24 27.09 -6.59
C GLU B 263 -38.67 28.51 -6.60
MN MN C . 15.79 -10.48 12.99
MN MN D . 18.10 -10.23 10.67
NA NA E . 17.45 -18.59 0.07
N NLP F . 19.61 -11.18 12.30
CA NLP F . 19.44 -12.63 12.45
CB NLP F . 20.32 -13.16 13.58
CG NLP F . 21.56 -13.82 12.98
CD NLP F . 22.31 -14.57 14.09
CE NLP F . 23.82 -14.30 13.93
P NLP F . 17.69 -13.03 12.76
O1 NLP F . 17.41 -13.07 14.22
O2 NLP F . 16.77 -11.92 12.07
O3 NLP F . 17.36 -14.47 12.13
MN MN G . -13.64 9.06 -2.29
MN MN H . -11.42 9.32 -4.76
NA NA I . -11.55 0.14 -14.67
N NLP J . -9.90 8.72 -3.33
CA NLP J . -9.78 7.30 -2.97
CB NLP J . -8.69 7.12 -1.90
CG NLP J . -7.47 6.46 -2.53
CD NLP J . -6.68 5.72 -1.44
CE NLP J . -5.26 6.29 -1.38
P NLP J . -11.37 6.64 -2.40
O1 NLP J . -11.39 6.52 -0.92
O2 NLP J . -12.56 7.62 -2.88
O3 NLP J . -11.58 5.19 -3.04
#